data_1CO7
#
_entry.id   1CO7
#
_cell.length_a   92.696
_cell.length_b   92.696
_cell.length_c   62.406
_cell.angle_alpha   90.00
_cell.angle_beta   90.00
_cell.angle_gamma   120.00
#
_symmetry.space_group_name_H-M   'P 32 2 1'
#
loop_
_entity.id
_entity.type
_entity.pdbx_description
1 polymer 'TRYPSIN II'
2 polymer 'BOVINE PANCREATIC TRYPSIN INHIBITOR'
3 non-polymer 'CALCIUM ION'
4 water water
#
loop_
_entity_poly.entity_id
_entity_poly.type
_entity_poly.pdbx_seq_one_letter_code
_entity_poly.pdbx_strand_id
1 'polypeptide(L)'
;RALLFLALVGAAVAFPVDDDDKIVGGYTCQENSVPYQVSLNSGYHFCGGSLINDQWVVSAAHCYKSRIQVRLGEHNINVL
EGNEQFVNAAKIIKHPNFDRKTLNNDIMLIKLSSPVKLNAHVATVALPSSCAPAGTQCLISGWGNTLSSGVNEPDLLQCL
DAPLLPQADCEASYPGKITDNMVCVGFLEGGKDSCQGDSGGPVVCNGELQGIVSWGYGCALPDNPGVYTKVCNYVDWIQD
TIAAN
;
E
2 'polypeptide(L)'
;KMSRLCLSVALLVLLGTLAASTPGCDTSNQAKAQRPDFCLEPPYTGPCKARIIRYFYNAKAGLCQTFVYGGCRAKRNNFK
SAEDCMRTCGGAIGPWENL
;
I
#
# COMPACT_ATOMS: atom_id res chain seq x y z
N ILE A 23 8.38 -5.37 0.64
CA ILE A 23 8.13 -6.63 1.40
C ILE A 23 9.46 -7.20 1.89
N VAL A 24 9.58 -7.34 3.21
CA VAL A 24 10.79 -7.88 3.83
C VAL A 24 10.53 -9.30 4.33
N GLY A 25 11.37 -10.24 3.92
CA GLY A 25 11.19 -11.61 4.34
C GLY A 25 10.21 -12.39 3.48
N GLY A 26 9.92 -11.89 2.29
CA GLY A 26 8.99 -12.58 1.42
C GLY A 26 9.68 -13.39 0.32
N TYR A 27 8.95 -13.67 -0.74
CA TYR A 27 9.47 -14.44 -1.85
C TYR A 27 8.90 -13.82 -3.11
N THR A 28 9.55 -14.05 -4.25
CA THR A 28 9.04 -13.50 -5.50
C THR A 28 7.75 -14.21 -5.88
N CYS A 29 6.71 -13.44 -6.15
CA CYS A 29 5.44 -14.03 -6.53
C CYS A 29 5.57 -14.73 -7.86
N GLN A 30 4.79 -15.78 -8.06
CA GLN A 30 4.80 -16.52 -9.31
C GLN A 30 4.20 -15.60 -10.38
N GLU A 31 4.79 -15.62 -11.57
CA GLU A 31 4.33 -14.79 -12.67
C GLU A 31 2.84 -14.94 -12.77
N ASN A 32 2.23 -13.76 -12.91
CA ASN A 32 0.78 -13.39 -12.84
C ASN A 32 -0.14 -14.23 -11.98
N SER A 33 0.28 -14.49 -10.73
CA SER A 33 -0.42 -15.21 -9.68
C SER A 33 -1.15 -14.14 -8.80
N VAL A 34 -0.77 -12.87 -8.97
CA VAL A 34 -1.40 -11.76 -8.23
C VAL A 34 -1.88 -10.72 -9.26
N PRO A 35 -2.86 -11.11 -10.08
CA PRO A 35 -3.46 -10.32 -11.16
C PRO A 35 -4.21 -9.05 -10.78
N TYR A 36 -4.58 -8.91 -9.50
CA TYR A 36 -5.32 -7.73 -9.07
C TYR A 36 -4.39 -6.63 -8.58
N GLN A 37 -3.10 -6.95 -8.47
CA GLN A 37 -2.11 -5.98 -7.99
C GLN A 37 -1.79 -4.92 -9.02
N VAL A 38 -1.80 -3.66 -8.60
CA VAL A 38 -1.45 -2.58 -9.51
C VAL A 38 -0.34 -1.73 -8.91
N SER A 39 0.34 -0.97 -9.76
CA SER A 39 1.39 -0.07 -9.31
C SER A 39 0.89 1.33 -9.65
N LEU A 40 1.07 2.25 -8.70
CA LEU A 40 0.68 3.64 -8.88
C LEU A 40 1.97 4.33 -9.25
N ASN A 41 1.94 5.03 -10.36
CA ASN A 41 3.13 5.66 -10.90
C ASN A 41 2.91 7.14 -11.26
N SER A 42 3.86 7.99 -10.89
CA SER A 42 3.77 9.40 -11.23
C SER A 42 5.14 9.81 -11.77
N GLY A 43 5.80 8.87 -12.42
CA GLY A 43 7.14 9.09 -12.95
C GLY A 43 7.95 7.90 -12.51
N TYR A 44 7.63 7.41 -11.30
CA TYR A 44 8.25 6.24 -10.70
C TYR A 44 7.18 5.57 -9.84
N HIS A 45 7.40 4.31 -9.48
CA HIS A 45 6.44 3.59 -8.63
C HIS A 45 6.53 4.17 -7.23
N PHE A 46 5.39 4.50 -6.63
CA PHE A 46 5.38 5.05 -5.28
C PHE A 46 4.40 4.39 -4.32
N CYS A 47 3.48 3.59 -4.85
CA CYS A 47 2.48 2.91 -4.02
C CYS A 47 1.83 1.77 -4.79
N GLY A 48 1.14 0.89 -4.06
CA GLY A 48 0.45 -0.21 -4.69
C GLY A 48 -1.05 0.05 -4.65
N GLY A 49 -1.82 -0.91 -5.13
CA GLY A 49 -3.27 -0.79 -5.14
C GLY A 49 -3.88 -2.10 -5.59
N SER A 50 -5.21 -2.17 -5.56
CA SER A 50 -5.93 -3.37 -5.96
C SER A 50 -7.07 -3.04 -6.92
N LEU A 51 -7.20 -3.85 -7.97
CA LEU A 51 -8.27 -3.66 -8.95
C LEU A 51 -9.54 -4.34 -8.43
N ILE A 52 -10.59 -3.57 -8.16
CA ILE A 52 -11.83 -4.18 -7.65
C ILE A 52 -12.91 -4.40 -8.71
N ASN A 53 -12.77 -3.72 -9.85
CA ASN A 53 -13.67 -3.89 -10.98
C ASN A 53 -12.99 -3.25 -12.20
N ASP A 54 -13.47 -3.51 -13.41
CA ASP A 54 -12.77 -2.99 -14.58
C ASP A 54 -12.49 -1.49 -14.71
N GLN A 55 -12.98 -0.67 -13.78
CA GLN A 55 -12.74 0.76 -13.84
C GLN A 55 -12.35 1.42 -12.51
N TRP A 56 -12.23 0.61 -11.45
CA TRP A 56 -11.89 1.17 -10.15
C TRP A 56 -10.76 0.46 -9.41
N VAL A 57 -9.86 1.27 -8.84
CA VAL A 57 -8.70 0.81 -8.09
C VAL A 57 -8.87 1.31 -6.65
N VAL A 58 -8.51 0.50 -5.67
CA VAL A 58 -8.59 0.93 -4.27
C VAL A 58 -7.16 0.94 -3.71
N SER A 59 -6.81 2.00 -2.99
CA SER A 59 -5.47 2.16 -2.44
C SER A 59 -5.57 2.87 -1.09
N ALA A 60 -4.44 3.40 -0.61
CA ALA A 60 -4.42 4.12 0.65
C ALA A 60 -4.52 5.61 0.39
N ALA A 61 -5.22 6.32 1.26
CA ALA A 61 -5.38 7.77 1.12
C ALA A 61 -4.06 8.52 1.22
N HIS A 62 -3.09 7.99 1.98
CA HIS A 62 -1.81 8.69 2.09
C HIS A 62 -0.96 8.54 0.82
N CYS A 63 -1.47 7.77 -0.15
CA CYS A 63 -0.79 7.58 -1.43
C CYS A 63 -1.35 8.60 -2.43
N TYR A 64 -2.15 9.54 -1.94
CA TYR A 64 -2.76 10.55 -2.81
C TYR A 64 -1.76 11.42 -3.59
N LYS A 65 -2.11 11.70 -4.83
CA LYS A 65 -1.32 12.55 -5.70
C LYS A 65 -2.32 13.14 -6.68
N SER A 66 -2.12 14.38 -7.10
CA SER A 66 -3.06 14.99 -8.03
C SER A 66 -3.06 14.32 -9.40
N ARG A 67 -1.94 13.70 -9.77
CA ARG A 67 -1.81 13.02 -11.06
C ARG A 67 -1.26 11.61 -10.86
N ILE A 68 -2.01 10.60 -11.26
CA ILE A 68 -1.55 9.22 -11.10
C ILE A 68 -1.83 8.36 -12.31
N GLN A 69 -0.85 7.56 -12.70
CA GLN A 69 -1.03 6.64 -13.80
C GLN A 69 -1.04 5.26 -13.13
N VAL A 70 -2.01 4.44 -13.51
CA VAL A 70 -2.12 3.11 -12.95
C VAL A 70 -1.52 2.08 -13.90
N ARG A 71 -0.65 1.22 -13.39
CA ARG A 71 -0.03 0.19 -14.23
C ARG A 71 -0.50 -1.18 -13.79
N LEU A 72 -1.16 -1.88 -14.71
CA LEU A 72 -1.71 -3.21 -14.44
C LEU A 72 -0.96 -4.27 -15.24
N GLY A 73 -0.98 -5.51 -14.75
CA GLY A 73 -0.30 -6.61 -15.43
C GLY A 73 1.21 -6.59 -15.25
N GLU A 74 1.67 -5.88 -14.23
CA GLU A 74 3.10 -5.77 -13.95
C GLU A 74 3.68 -6.94 -13.15
N HIS A 75 4.94 -7.24 -13.42
CA HIS A 75 5.67 -8.26 -12.69
C HIS A 75 7.02 -7.61 -12.40
N ASN A 76 7.72 -7.22 -13.47
CA ASN A 76 9.00 -6.54 -13.34
C ASN A 76 8.72 -5.08 -13.68
N ILE A 77 8.52 -4.23 -12.68
CA ILE A 77 8.20 -2.84 -12.94
C ILE A 77 9.26 -2.05 -13.68
N ASN A 78 10.43 -2.65 -13.90
CA ASN A 78 11.47 -1.93 -14.60
C ASN A 78 11.75 -2.40 -16.03
N VAL A 79 10.92 -3.32 -16.52
CA VAL A 79 11.09 -3.84 -17.86
C VAL A 79 9.75 -3.93 -18.56
N LEU A 80 9.69 -3.54 -19.84
CA LEU A 80 8.45 -3.65 -20.58
C LEU A 80 8.36 -5.12 -21.02
N GLU A 81 7.41 -5.84 -20.45
CA GLU A 81 7.22 -7.25 -20.72
C GLU A 81 6.18 -7.58 -21.78
N GLY A 82 5.20 -6.71 -21.97
CA GLY A 82 4.19 -6.95 -22.98
C GLY A 82 2.79 -7.24 -22.47
N ASN A 83 2.65 -7.49 -21.17
CA ASN A 83 1.34 -7.78 -20.59
C ASN A 83 0.75 -6.62 -19.80
N GLU A 84 1.53 -5.57 -19.63
CA GLU A 84 1.09 -4.41 -18.85
C GLU A 84 0.11 -3.51 -19.55
N GLN A 85 -0.74 -2.88 -18.76
CA GLN A 85 -1.72 -1.93 -19.26
C GLN A 85 -1.42 -0.66 -18.47
N PHE A 86 -1.39 0.47 -19.16
CA PHE A 86 -1.10 1.76 -18.55
C PHE A 86 -2.35 2.60 -18.71
N VAL A 87 -2.99 2.95 -17.60
CA VAL A 87 -4.21 3.76 -17.63
C VAL A 87 -4.14 4.90 -16.62
N ASN A 88 -4.48 6.10 -17.05
CA ASN A 88 -4.42 7.25 -16.15
C ASN A 88 -5.66 7.34 -15.26
N ALA A 89 -5.47 7.84 -14.05
CA ALA A 89 -6.58 8.00 -13.11
C ALA A 89 -7.42 9.22 -13.54
N ALA A 90 -8.74 9.05 -13.55
CA ALA A 90 -9.65 10.13 -13.93
C ALA A 90 -10.28 10.78 -12.71
N LYS A 91 -10.47 9.99 -11.65
CA LYS A 91 -11.06 10.49 -10.42
C LYS A 91 -10.34 9.82 -9.26
N ILE A 92 -9.94 10.60 -8.27
CA ILE A 92 -9.26 10.08 -7.10
C ILE A 92 -10.10 10.54 -5.91
N ILE A 93 -10.67 9.60 -5.18
CA ILE A 93 -11.51 9.93 -4.04
C ILE A 93 -11.05 9.30 -2.74
N LYS A 94 -10.64 10.15 -1.81
CA LYS A 94 -10.19 9.72 -0.51
C LYS A 94 -11.39 9.67 0.43
N HIS A 95 -11.28 8.85 1.47
CA HIS A 95 -12.36 8.76 2.44
C HIS A 95 -12.53 10.14 3.07
N PRO A 96 -13.77 10.62 3.19
CA PRO A 96 -14.04 11.94 3.79
C PRO A 96 -13.51 12.11 5.20
N ASN A 97 -13.30 11.00 5.91
CA ASN A 97 -12.82 11.05 7.29
C ASN A 97 -11.36 10.67 7.50
N PHE A 98 -10.58 10.67 6.42
CA PHE A 98 -9.16 10.34 6.50
C PHE A 98 -8.43 11.34 7.38
N ASP A 99 -7.61 10.83 8.30
CA ASP A 99 -6.82 11.67 9.19
C ASP A 99 -5.35 11.44 8.87
N ARG A 100 -4.70 12.47 8.34
CA ARG A 100 -3.29 12.35 7.96
C ARG A 100 -2.33 12.20 9.13
N LYS A 101 -2.80 12.49 10.33
CA LYS A 101 -1.98 12.39 11.52
C LYS A 101 -2.05 10.98 12.13
N THR A 102 -3.26 10.48 12.34
CA THR A 102 -3.45 9.15 12.93
C THR A 102 -3.62 8.05 11.88
N LEU A 103 -3.88 8.44 10.63
CA LEU A 103 -4.06 7.48 9.54
C LEU A 103 -5.34 6.67 9.65
N ASN A 104 -6.29 7.19 10.43
CA ASN A 104 -7.57 6.52 10.58
C ASN A 104 -8.31 6.73 9.24
N ASN A 105 -8.95 5.67 8.73
CA ASN A 105 -9.66 5.71 7.45
C ASN A 105 -8.70 5.92 6.28
N ASP A 106 -7.57 5.22 6.32
CA ASP A 106 -6.57 5.33 5.26
C ASP A 106 -6.99 4.50 4.05
N ILE A 107 -7.95 5.03 3.29
CA ILE A 107 -8.45 4.34 2.11
C ILE A 107 -8.86 5.37 1.07
N MET A 108 -8.68 5.02 -0.20
CA MET A 108 -8.98 5.92 -1.30
C MET A 108 -9.35 5.12 -2.55
N LEU A 109 -10.26 5.67 -3.36
CA LEU A 109 -10.70 5.02 -4.59
C LEU A 109 -10.22 5.79 -5.81
N ILE A 110 -9.84 5.05 -6.85
CA ILE A 110 -9.38 5.68 -8.07
C ILE A 110 -10.22 5.16 -9.22
N LYS A 111 -10.77 6.08 -9.99
CA LYS A 111 -11.55 5.69 -11.16
C LYS A 111 -10.62 5.85 -12.35
N LEU A 112 -10.52 4.82 -13.18
CA LEU A 112 -9.65 4.85 -14.37
C LEU A 112 -10.26 5.63 -15.54
N SER A 113 -9.41 6.19 -16.38
CA SER A 113 -9.84 6.95 -17.56
C SER A 113 -10.72 6.13 -18.48
N SER A 114 -10.47 4.82 -18.54
CA SER A 114 -11.24 3.92 -19.37
C SER A 114 -11.18 2.53 -18.78
N PRO A 115 -12.20 1.71 -19.05
CA PRO A 115 -12.16 0.37 -18.48
C PRO A 115 -10.92 -0.38 -18.98
N VAL A 116 -10.42 -1.31 -18.17
CA VAL A 116 -9.25 -2.08 -18.57
C VAL A 116 -9.72 -3.41 -19.15
N LYS A 117 -8.81 -4.09 -19.84
CA LYS A 117 -9.11 -5.38 -20.44
C LYS A 117 -8.75 -6.47 -19.44
N LEU A 118 -9.76 -7.20 -18.99
CA LEU A 118 -9.53 -8.26 -18.02
C LEU A 118 -9.05 -9.55 -18.71
N ASN A 119 -8.01 -10.16 -18.15
CA ASN A 119 -7.46 -11.39 -18.69
C ASN A 119 -6.68 -12.15 -17.63
N ALA A 120 -5.85 -13.09 -18.07
CA ALA A 120 -5.05 -13.90 -17.17
C ALA A 120 -4.07 -13.09 -16.32
N HIS A 121 -3.55 -12.00 -16.87
CA HIS A 121 -2.59 -11.17 -16.15
C HIS A 121 -3.25 -10.05 -15.38
N VAL A 122 -4.46 -9.67 -15.79
CA VAL A 122 -5.20 -8.58 -15.16
C VAL A 122 -6.59 -9.02 -14.71
N ALA A 123 -6.80 -9.08 -13.40
CA ALA A 123 -8.08 -9.50 -12.85
C ALA A 123 -8.47 -8.71 -11.61
N THR A 124 -9.73 -8.84 -11.21
CA THR A 124 -10.23 -8.12 -10.04
C THR A 124 -10.17 -9.00 -8.78
N VAL A 125 -10.22 -8.37 -7.62
CA VAL A 125 -10.22 -9.10 -6.36
C VAL A 125 -11.54 -8.76 -5.67
N ALA A 126 -12.16 -9.76 -5.04
CA ALA A 126 -13.43 -9.55 -4.36
C ALA A 126 -13.35 -8.73 -3.07
N LEU A 127 -14.39 -7.93 -2.83
CA LEU A 127 -14.48 -7.14 -1.62
C LEU A 127 -14.95 -8.11 -0.54
N PRO A 128 -14.61 -7.85 0.73
CA PRO A 128 -14.99 -8.75 1.83
C PRO A 128 -16.49 -9.00 2.04
N SER A 129 -16.82 -10.24 2.38
CA SER A 129 -18.20 -10.65 2.64
C SER A 129 -18.50 -10.34 4.10
N SER A 130 -17.43 -10.34 4.89
CA SER A 130 -17.48 -10.08 6.32
C SER A 130 -16.05 -9.85 6.76
N CYS A 131 -15.87 -9.45 8.02
CA CYS A 131 -14.53 -9.22 8.54
C CYS A 131 -13.93 -10.56 8.91
N ALA A 132 -12.74 -10.82 8.40
CA ALA A 132 -12.05 -12.08 8.70
C ALA A 132 -11.58 -12.09 10.15
N PRO A 133 -11.66 -13.26 10.80
CA PRO A 133 -11.23 -13.41 12.18
C PRO A 133 -9.71 -13.47 12.34
N ALA A 134 -9.22 -13.22 13.55
CA ALA A 134 -7.80 -13.28 13.81
C ALA A 134 -7.34 -14.72 13.58
N GLY A 135 -6.15 -14.88 13.04
CA GLY A 135 -5.65 -16.22 12.79
C GLY A 135 -5.78 -16.59 11.33
N THR A 136 -6.59 -15.84 10.58
CA THR A 136 -6.76 -16.12 9.17
C THR A 136 -5.47 -15.85 8.42
N GLN A 137 -5.09 -16.78 7.55
CA GLN A 137 -3.87 -16.64 6.75
C GLN A 137 -4.14 -15.77 5.53
N CYS A 138 -3.24 -14.82 5.27
CA CYS A 138 -3.42 -13.91 4.15
C CYS A 138 -2.16 -13.79 3.31
N LEU A 139 -2.32 -13.18 2.13
CA LEU A 139 -1.23 -12.94 1.22
C LEU A 139 -1.07 -11.44 1.01
N ILE A 140 0.14 -10.95 1.28
CA ILE A 140 0.46 -9.53 1.10
C ILE A 140 1.46 -9.43 -0.06
N SER A 141 1.34 -8.39 -0.87
CA SER A 141 2.25 -8.24 -2.00
C SER A 141 2.58 -6.79 -2.30
N GLY A 142 3.72 -6.58 -2.95
CA GLY A 142 4.14 -5.24 -3.31
C GLY A 142 5.56 -5.20 -3.84
N TRP A 143 5.95 -4.02 -4.32
CA TRP A 143 7.30 -3.80 -4.87
C TRP A 143 8.12 -2.95 -3.91
N GLY A 144 7.77 -3.01 -2.63
CA GLY A 144 8.47 -2.20 -1.64
C GLY A 144 9.82 -2.71 -1.17
N ASN A 145 10.48 -1.90 -0.35
CA ASN A 145 11.79 -2.23 0.20
C ASN A 145 11.77 -3.64 0.79
N THR A 146 12.84 -4.38 0.52
CA THR A 146 12.96 -5.75 1.01
C THR A 146 13.90 -5.86 2.21
N LEU A 147 14.43 -4.72 2.66
CA LEU A 147 15.35 -4.72 3.80
C LEU A 147 14.80 -3.97 5.01
N SER A 148 15.05 -4.52 6.20
CA SER A 148 14.60 -3.88 7.44
C SER A 148 15.62 -2.79 7.74
N SER A 149 16.86 -3.06 7.34
CA SER A 149 17.97 -2.15 7.52
C SER A 149 18.64 -2.00 6.16
N GLY A 150 18.59 -0.80 5.60
CA GLY A 150 19.17 -0.57 4.30
C GLY A 150 18.08 -0.40 3.25
N VAL A 151 18.45 -0.40 1.98
CA VAL A 151 17.47 -0.22 0.92
C VAL A 151 17.68 -1.11 -0.29
N ASN A 152 16.68 -1.91 -0.62
CA ASN A 152 16.75 -2.77 -1.78
C ASN A 152 15.39 -2.83 -2.44
N GLU A 153 15.24 -2.08 -3.53
CA GLU A 153 13.99 -2.05 -4.27
C GLU A 153 13.97 -3.17 -5.30
N PRO A 154 13.04 -4.12 -5.14
CA PRO A 154 12.95 -5.24 -6.09
C PRO A 154 12.41 -4.83 -7.46
N ASP A 155 12.77 -5.63 -8.45
CA ASP A 155 12.30 -5.42 -9.81
C ASP A 155 11.00 -6.21 -9.84
N LEU A 156 11.04 -7.40 -9.26
CA LEU A 156 9.91 -8.31 -9.23
C LEU A 156 9.01 -8.21 -8.02
N LEU A 157 7.73 -8.42 -8.27
CA LEU A 157 6.69 -8.37 -7.23
C LEU A 157 6.98 -9.38 -6.12
N GLN A 158 6.90 -8.94 -4.87
CA GLN A 158 7.16 -9.82 -3.74
C GLN A 158 5.89 -10.22 -3.02
N CYS A 159 5.90 -11.43 -2.47
CA CYS A 159 4.75 -11.99 -1.76
C CYS A 159 5.13 -12.40 -0.36
N LEU A 160 4.14 -12.43 0.52
CA LEU A 160 4.36 -12.81 1.91
C LEU A 160 3.11 -13.40 2.50
N ASP A 161 3.23 -14.60 3.06
CA ASP A 161 2.08 -15.22 3.66
C ASP A 161 2.15 -14.89 5.16
N ALA A 162 1.08 -14.29 5.68
CA ALA A 162 1.03 -13.90 7.08
C ALA A 162 -0.40 -13.89 7.62
N PRO A 163 -0.56 -14.16 8.92
CA PRO A 163 -1.87 -14.20 9.56
C PRO A 163 -2.38 -12.88 10.15
N LEU A 164 -3.70 -12.76 10.22
CA LEU A 164 -4.33 -11.58 10.82
C LEU A 164 -4.10 -11.74 12.32
N LEU A 165 -3.57 -10.71 12.97
CA LEU A 165 -3.30 -10.75 14.40
C LEU A 165 -4.48 -10.36 15.28
N PRO A 166 -4.53 -10.88 16.52
CA PRO A 166 -5.63 -10.53 17.43
C PRO A 166 -5.49 -9.04 17.72
N GLN A 167 -6.61 -8.34 17.79
CA GLN A 167 -6.57 -6.90 18.03
C GLN A 167 -5.85 -6.51 19.33
N ALA A 168 -5.87 -7.40 20.31
CA ALA A 168 -5.21 -7.12 21.57
C ALA A 168 -3.69 -7.07 21.40
N ASP A 169 -3.16 -7.88 20.49
CA ASP A 169 -1.73 -7.88 20.26
C ASP A 169 -1.36 -6.67 19.43
N CYS A 170 -2.30 -6.25 18.59
CA CYS A 170 -2.08 -5.07 17.76
C CYS A 170 -1.98 -3.87 18.68
N GLU A 171 -2.95 -3.73 19.57
CA GLU A 171 -2.97 -2.61 20.51
C GLU A 171 -1.76 -2.62 21.42
N ALA A 172 -1.32 -3.80 21.85
CA ALA A 172 -0.15 -3.93 22.73
C ALA A 172 1.13 -3.52 22.01
N SER A 173 1.16 -3.68 20.69
CA SER A 173 2.32 -3.34 19.88
C SER A 173 2.38 -1.83 19.60
N TYR A 174 1.21 -1.19 19.50
CA TYR A 174 1.11 0.23 19.24
C TYR A 174 0.11 0.87 20.21
N PRO A 175 0.51 1.01 21.49
CA PRO A 175 -0.31 1.59 22.55
C PRO A 175 -1.07 2.87 22.18
N GLY A 176 -2.39 2.80 22.25
CA GLY A 176 -3.24 3.95 21.96
C GLY A 176 -3.20 4.52 20.56
N LYS A 177 -2.65 3.77 19.61
CA LYS A 177 -2.56 4.24 18.23
C LYS A 177 -3.45 3.45 17.28
N ILE A 178 -4.05 2.37 17.76
CA ILE A 178 -4.90 1.51 16.95
C ILE A 178 -6.40 1.78 17.09
N THR A 179 -7.06 2.09 15.97
CA THR A 179 -8.49 2.34 15.95
C THR A 179 -9.21 1.11 15.40
N ASP A 180 -10.53 1.09 15.51
CA ASP A 180 -11.32 -0.05 15.02
C ASP A 180 -11.22 -0.24 13.52
N ASN A 181 -10.63 0.73 12.83
CA ASN A 181 -10.50 0.64 11.39
C ASN A 181 -9.14 0.13 10.95
N MET A 182 -8.38 -0.40 11.90
CA MET A 182 -7.05 -0.92 11.62
C MET A 182 -6.94 -2.33 12.13
N VAL A 183 -6.12 -3.13 11.45
CA VAL A 183 -5.89 -4.51 11.84
C VAL A 183 -4.41 -4.78 11.63
N CYS A 184 -3.83 -5.58 12.52
CA CYS A 184 -2.42 -5.91 12.41
C CYS A 184 -2.27 -7.25 11.70
N VAL A 185 -1.27 -7.33 10.82
CA VAL A 185 -0.99 -8.54 10.06
C VAL A 185 0.51 -8.79 10.12
N GLY A 186 0.90 -10.03 10.35
CA GLY A 186 2.32 -10.31 10.39
C GLY A 186 2.73 -11.17 11.55
N PHE A 187 3.95 -10.92 12.03
CA PHE A 187 4.53 -11.68 13.13
C PHE A 187 5.06 -10.76 14.24
N LEU A 188 4.69 -11.08 15.47
CA LEU A 188 5.12 -10.28 16.61
C LEU A 188 6.64 -10.37 16.80
N GLU A 189 7.26 -11.36 16.16
CA GLU A 189 8.70 -11.57 16.25
C GLU A 189 9.45 -10.85 15.15
N GLY A 190 8.72 -10.18 14.27
CA GLY A 190 9.33 -9.46 13.16
C GLY A 190 9.85 -10.41 12.11
N GLY A 191 10.80 -9.94 11.29
CA GLY A 191 11.38 -10.78 10.25
C GLY A 191 10.70 -10.69 8.89
N LYS A 192 9.38 -10.63 8.90
CA LYS A 192 8.60 -10.53 7.66
C LYS A 192 7.59 -9.39 7.82
N ASP A 193 7.55 -8.49 6.83
CA ASP A 193 6.66 -7.34 6.92
C ASP A 193 6.62 -6.55 5.61
N SER A 194 5.60 -5.68 5.45
CA SER A 194 5.51 -4.84 4.27
C SER A 194 6.40 -3.63 4.58
N CYS A 195 6.80 -2.89 3.56
CA CYS A 195 7.69 -1.74 3.77
C CYS A 195 7.40 -0.58 2.82
N GLN A 196 8.20 0.47 2.92
CA GLN A 196 8.02 1.64 2.07
C GLN A 196 7.98 1.22 0.61
N GLY A 197 6.89 1.58 -0.06
CA GLY A 197 6.70 1.23 -1.46
C GLY A 197 5.58 0.21 -1.57
N ASP A 198 5.21 -0.36 -0.43
CA ASP A 198 4.14 -1.36 -0.38
C ASP A 198 2.78 -0.71 -0.11
N SER A 199 2.81 0.47 0.50
CA SER A 199 1.59 1.21 0.84
C SER A 199 0.52 1.14 -0.23
N GLY A 200 -0.74 0.97 0.22
CA GLY A 200 -1.86 0.90 -0.69
C GLY A 200 -2.12 -0.48 -1.25
N GLY A 201 -1.12 -1.35 -1.11
CA GLY A 201 -1.22 -2.70 -1.61
C GLY A 201 -2.20 -3.61 -0.91
N PRO A 202 -2.51 -4.76 -1.51
CA PRO A 202 -3.44 -5.76 -0.98
C PRO A 202 -3.00 -6.76 0.10
N VAL A 203 -3.97 -7.10 0.94
CA VAL A 203 -3.83 -8.12 1.98
C VAL A 203 -5.09 -8.92 1.63
N VAL A 204 -4.90 -10.08 1.02
CA VAL A 204 -6.00 -10.92 0.60
C VAL A 204 -6.05 -12.20 1.40
N CYS A 205 -7.22 -12.48 1.96
CA CYS A 205 -7.44 -13.68 2.76
C CYS A 205 -8.64 -14.43 2.21
N ASN A 206 -8.39 -15.67 1.77
CA ASN A 206 -9.43 -16.52 1.20
C ASN A 206 -10.13 -15.87 0.01
N GLY A 207 -9.35 -15.29 -0.88
CA GLY A 207 -9.91 -14.67 -2.07
C GLY A 207 -10.60 -13.34 -1.86
N GLU A 208 -10.51 -12.76 -0.66
CA GLU A 208 -11.15 -11.48 -0.39
C GLU A 208 -10.16 -10.44 0.08
N LEU A 209 -10.34 -9.20 -0.38
CA LEU A 209 -9.47 -8.11 0.04
C LEU A 209 -9.87 -7.68 1.46
N GLN A 210 -9.05 -8.00 2.45
CA GLN A 210 -9.37 -7.65 3.82
C GLN A 210 -8.53 -6.51 4.36
N GLY A 211 -7.43 -6.19 3.67
CA GLY A 211 -6.58 -5.11 4.14
C GLY A 211 -5.86 -4.32 3.07
N ILE A 212 -5.36 -3.15 3.48
CA ILE A 212 -4.62 -2.26 2.61
C ILE A 212 -3.39 -1.85 3.40
N VAL A 213 -2.19 -2.07 2.85
CA VAL A 213 -0.95 -1.69 3.54
C VAL A 213 -1.04 -0.20 3.88
N SER A 214 -0.85 0.12 5.16
CA SER A 214 -0.96 1.50 5.63
C SER A 214 0.29 2.04 6.32
N TRP A 215 0.62 1.49 7.48
CA TRP A 215 1.78 1.97 8.25
C TRP A 215 2.38 0.98 9.24
N GLY A 216 3.37 1.45 9.99
CA GLY A 216 4.04 0.64 10.99
C GLY A 216 5.32 1.34 11.40
N TYR A 217 5.91 0.94 12.52
CA TYR A 217 7.16 1.55 12.96
C TYR A 217 8.27 0.70 12.39
N GLY A 218 8.88 1.20 11.33
CA GLY A 218 9.95 0.46 10.66
C GLY A 218 9.36 -0.69 9.86
N CYS A 219 10.19 -1.68 9.55
CA CYS A 219 9.73 -2.86 8.82
C CYS A 219 10.36 -4.10 9.40
N ALA A 220 9.52 -5.10 9.69
CA ALA A 220 9.95 -6.37 10.24
C ALA A 220 10.68 -6.32 11.60
N LEU A 221 10.37 -5.32 12.42
CA LEU A 221 10.99 -5.21 13.74
C LEU A 221 10.10 -5.94 14.74
N PRO A 222 10.71 -6.65 15.71
CA PRO A 222 9.88 -7.37 16.70
C PRO A 222 8.95 -6.43 17.45
N ASP A 223 7.78 -6.95 17.84
CA ASP A 223 6.78 -6.17 18.59
C ASP A 223 6.19 -5.01 17.81
N ASN A 224 6.47 -4.94 16.50
CA ASN A 224 5.93 -3.87 15.67
C ASN A 224 5.55 -4.41 14.29
N PRO A 225 4.50 -5.26 14.22
CA PRO A 225 4.05 -5.83 12.95
C PRO A 225 3.29 -4.77 12.15
N GLY A 226 3.08 -5.00 10.86
CA GLY A 226 2.39 -4.04 10.04
C GLY A 226 0.94 -3.75 10.43
N VAL A 227 0.52 -2.50 10.23
CA VAL A 227 -0.84 -2.06 10.51
C VAL A 227 -1.49 -1.83 9.14
N TYR A 228 -2.72 -2.33 8.98
CA TYR A 228 -3.44 -2.23 7.70
C TYR A 228 -4.85 -1.67 7.86
N THR A 229 -5.36 -1.04 6.81
CA THR A 229 -6.72 -0.51 6.85
C THR A 229 -7.71 -1.69 6.77
N LYS A 230 -8.64 -1.78 7.71
CA LYS A 230 -9.64 -2.85 7.75
C LYS A 230 -10.71 -2.61 6.69
N VAL A 231 -10.51 -3.20 5.52
CA VAL A 231 -11.42 -3.01 4.39
C VAL A 231 -12.89 -3.37 4.62
N CYS A 232 -13.15 -4.38 5.47
CA CYS A 232 -14.52 -4.81 5.73
C CYS A 232 -15.42 -3.73 6.32
N ASN A 233 -14.81 -2.68 6.87
CA ASN A 233 -15.54 -1.57 7.46
C ASN A 233 -15.91 -0.52 6.41
N TYR A 234 -15.50 -0.75 5.16
CA TYR A 234 -15.77 0.23 4.11
C TYR A 234 -16.47 -0.27 2.86
N VAL A 235 -16.96 -1.50 2.89
CA VAL A 235 -17.62 -2.05 1.71
C VAL A 235 -18.79 -1.19 1.22
N ASP A 236 -19.63 -0.74 2.14
CA ASP A 236 -20.77 0.07 1.75
C ASP A 236 -20.36 1.42 1.21
N TRP A 237 -19.32 2.03 1.79
CA TRP A 237 -18.84 3.32 1.32
C TRP A 237 -18.26 3.14 -0.06
N ILE A 238 -17.56 2.03 -0.26
CA ILE A 238 -16.96 1.74 -1.56
C ILE A 238 -18.03 1.59 -2.63
N GLN A 239 -19.02 0.75 -2.35
CA GLN A 239 -20.09 0.53 -3.31
C GLN A 239 -20.91 1.78 -3.59
N ASP A 240 -21.18 2.55 -2.54
CA ASP A 240 -21.94 3.77 -2.68
C ASP A 240 -21.17 4.79 -3.54
N THR A 241 -19.86 4.90 -3.33
CA THR A 241 -19.05 5.84 -4.10
C THR A 241 -18.93 5.46 -5.58
N ILE A 242 -18.77 4.18 -5.85
CA ILE A 242 -18.64 3.69 -7.21
C ILE A 242 -19.92 3.92 -8.00
N ALA A 243 -21.07 3.73 -7.34
CA ALA A 243 -22.37 3.91 -7.99
C ALA A 243 -22.72 5.38 -8.24
N ALA A 244 -22.08 6.26 -7.48
CA ALA A 244 -22.34 7.70 -7.63
C ALA A 244 -21.35 8.40 -8.54
N ASN A 245 -20.30 7.70 -8.97
CA ASN A 245 -19.27 8.31 -9.81
C ASN A 245 -18.93 7.55 -11.09
N PRO B 43 17.27 12.58 8.06
CA PRO B 43 16.00 12.34 7.31
C PRO B 43 15.05 11.42 8.08
N TYR B 44 13.77 11.77 8.05
CA TYR B 44 12.74 11.00 8.75
C TYR B 44 11.75 10.40 7.75
N THR B 45 11.86 9.10 7.53
CA THR B 45 10.98 8.40 6.59
C THR B 45 9.52 8.38 7.06
N GLY B 46 9.31 8.22 8.36
CA GLY B 46 7.96 8.20 8.89
C GLY B 46 7.38 6.79 8.96
N PRO B 47 6.21 6.62 9.61
CA PRO B 47 5.57 5.30 9.73
C PRO B 47 4.85 4.78 8.49
N CYS B 48 4.47 5.67 7.58
CA CYS B 48 3.77 5.24 6.37
C CYS B 48 4.71 4.52 5.39
N LYS B 49 4.15 3.69 4.53
CA LYS B 49 4.96 2.91 3.61
C LYS B 49 4.89 3.26 2.12
N ALA B 50 4.77 4.54 1.82
CA ALA B 50 4.77 5.00 0.43
C ALA B 50 6.24 5.13 0.08
N ARG B 51 6.55 5.38 -1.20
CA ARG B 51 7.94 5.57 -1.62
C ARG B 51 8.02 6.89 -2.36
N ILE B 52 8.11 7.97 -1.58
CA ILE B 52 8.19 9.31 -2.13
C ILE B 52 9.57 9.92 -1.91
N ILE B 53 10.22 10.29 -3.01
CA ILE B 53 11.54 10.89 -2.95
C ILE B 53 11.46 12.35 -2.52
N ARG B 54 12.17 12.67 -1.44
CA ARG B 54 12.21 14.02 -0.89
C ARG B 54 13.67 14.43 -0.65
N TYR B 55 13.87 15.72 -0.43
CA TYR B 55 15.21 16.24 -0.16
C TYR B 55 15.39 16.55 1.34
N PHE B 56 16.63 16.44 1.79
CA PHE B 56 16.99 16.71 3.18
C PHE B 56 18.43 17.25 3.17
N TYR B 57 18.78 18.03 4.19
CA TYR B 57 20.11 18.62 4.23
C TYR B 57 21.23 17.81 4.90
N ASN B 58 22.31 17.66 4.14
CA ASN B 58 23.57 16.99 4.46
C ASN B 58 24.40 18.01 3.69
N LEU B 63 23.91 18.17 2.49
CA LEU B 63 24.23 19.10 1.43
C LEU B 63 22.76 18.81 1.14
N CYS B 64 22.20 19.16 0.01
CA CYS B 64 20.83 18.73 -0.10
C CYS B 64 20.76 17.45 -0.93
N GLN B 65 20.43 16.35 -0.25
CA GLN B 65 20.33 15.03 -0.88
C GLN B 65 18.96 14.38 -0.78
N THR B 66 18.81 13.24 -1.46
CA THR B 66 17.52 12.56 -1.47
C THR B 66 17.36 11.40 -0.53
N PHE B 67 16.11 11.14 -0.18
CA PHE B 67 15.77 10.06 0.72
C PHE B 67 14.32 9.70 0.45
N VAL B 68 13.92 8.50 0.88
CA VAL B 68 12.57 8.03 0.68
C VAL B 68 11.69 8.43 1.88
N TYR B 69 10.65 9.20 1.57
CA TYR B 69 9.72 9.65 2.59
C TYR B 69 8.50 8.71 2.52
N GLY B 70 8.06 8.24 3.68
CA GLY B 70 6.93 7.33 3.75
C GLY B 70 5.56 7.82 3.28
N GLY B 71 5.34 9.12 3.32
CA GLY B 71 4.06 9.64 2.90
C GLY B 71 3.23 10.32 3.98
N CYS B 72 3.72 10.29 5.22
CA CYS B 72 3.00 10.93 6.31
C CYS B 72 3.89 11.32 7.47
N ARG B 73 3.42 12.30 8.24
CA ARG B 73 4.12 12.81 9.41
C ARG B 73 5.57 13.22 9.14
N ALA B 74 5.76 14.06 8.12
CA ALA B 74 7.08 14.53 7.75
C ALA B 74 7.64 15.52 8.77
N LYS B 75 8.96 15.60 8.85
CA LYS B 75 9.61 16.52 9.76
C LYS B 75 9.99 17.77 8.96
N ARG B 76 10.67 18.72 9.61
CA ARG B 76 11.07 19.96 8.93
C ARG B 76 12.15 19.79 7.88
N ASN B 77 13.09 18.88 8.13
CA ASN B 77 14.17 18.61 7.20
C ASN B 77 13.66 17.69 6.09
N ASN B 78 12.60 18.14 5.42
CA ASN B 78 11.95 17.40 4.35
C ASN B 78 11.44 18.41 3.31
N PHE B 79 12.14 18.51 2.18
CA PHE B 79 11.77 19.44 1.13
C PHE B 79 11.31 18.75 -0.15
N LYS B 80 10.56 19.48 -0.95
CA LYS B 80 10.06 18.95 -2.21
C LYS B 80 11.02 19.26 -3.35
N SER B 81 12.01 20.11 -3.07
CA SER B 81 13.01 20.47 -4.07
C SER B 81 14.35 20.74 -3.41
N ALA B 82 15.40 20.71 -4.21
CA ALA B 82 16.75 20.96 -3.69
C ALA B 82 16.91 22.45 -3.38
N GLU B 83 16.43 23.29 -4.29
CA GLU B 83 16.51 24.74 -4.15
C GLU B 83 15.90 25.23 -2.84
N ASP B 84 14.69 24.75 -2.54
CA ASP B 84 14.04 25.13 -1.29
C ASP B 84 14.85 24.61 -0.11
N CYS B 85 15.50 23.47 -0.32
CA CYS B 85 16.32 22.81 0.70
C CYS B 85 17.61 23.59 0.96
N MET B 86 18.25 24.04 -0.10
CA MET B 86 19.43 24.80 0.07
C MET B 86 19.16 26.22 0.59
N ARG B 87 17.94 26.76 0.39
CA ARG B 87 17.70 28.09 0.92
C ARG B 87 17.72 28.09 2.48
#